data_2DDU
#
_entry.id   2DDU
#
_cell.length_a   129.932
_cell.length_b   129.932
_cell.length_c   122.485
_cell.angle_alpha   90.00
_cell.angle_beta   90.00
_cell.angle_gamma   120.00
#
_symmetry.space_group_name_H-M   'H 3 2'
#
loop_
_entity.id
_entity.type
_entity.pdbx_description
1 polymer reelin
2 non-polymer 'CALCIUM ION'
3 non-polymer 'CHLORIDE ION'
4 non-polymer 'MAGNESIUM ION'
5 water water
#
_entity_poly.entity_id   1
_entity_poly.type   'polypeptide(L)'
_entity_poly.pdbx_seq_one_letter_code
;GRSEKQKQVIPVVNPTLPQNFYEKPAFDYPMNQMSVWLMLANEGMAKNDSFCATTPSAMVFGKSDGDRFAVTRDLTLKPG
YVLQFKLNIGCTSQFSSTAPVLLQYSHDAGMSWFLVKEGCFPASAGKGCEGNSRELSEPTVYYTGDFEEWTRITIAIPRS
LASSKTRFRWIQESSSQKNVPPFGLDGVYISEPCPSYCSGHGDCISGVCFCDLGYTAAQGTCVSNTPNHSEMFDRFEGKL
SPLWYKITGGQVGTGCGTLNDGRSLYFNGLGKREARTVPLDTRNIRLVQFYIQIGSKTSGITCIKPRARNEGLVVQYSND
NGILWHLLRELDFMSFLEPQIISIDLPREAKTPATAFRWWQPQHGKHSAQWALDDVLISRLENLYFQ
;
_entity_poly.pdbx_strand_id   A
#
# COMPACT_ATOMS: atom_id res chain seq x y z
N LEU A 75 4.97 1.93 -26.95
CA LEU A 75 6.39 1.73 -26.55
C LEU A 75 6.72 0.28 -26.20
N THR A 76 7.92 -0.15 -26.57
CA THR A 76 8.41 -1.50 -26.29
C THR A 76 8.94 -1.61 -24.86
N LEU A 77 8.56 -2.69 -24.17
CA LEU A 77 8.89 -2.90 -22.76
C LEU A 77 9.58 -4.23 -22.54
N LYS A 78 10.54 -4.26 -21.63
CA LYS A 78 11.17 -5.51 -21.19
C LYS A 78 10.76 -5.80 -19.75
N PRO A 79 10.71 -7.08 -19.35
CA PRO A 79 10.15 -7.50 -18.05
C PRO A 79 10.41 -6.54 -16.87
N GLY A 80 11.60 -6.57 -16.29
CA GLY A 80 11.87 -5.82 -15.05
C GLY A 80 11.84 -4.30 -15.12
N TYR A 81 11.29 -3.76 -16.22
CA TYR A 81 11.13 -2.32 -16.42
C TYR A 81 10.19 -1.72 -15.37
N VAL A 82 10.10 -0.39 -15.37
CA VAL A 82 9.36 0.30 -14.35
C VAL A 82 8.48 1.41 -14.94
N LEU A 83 7.24 1.50 -14.44
CA LEU A 83 6.29 2.52 -14.83
C LEU A 83 6.09 3.48 -13.66
N GLN A 84 6.32 4.77 -13.89
CA GLN A 84 6.21 5.78 -12.84
C GLN A 84 5.36 6.98 -13.25
N PHE A 85 4.64 7.57 -12.29
CA PHE A 85 3.84 8.79 -12.49
C PHE A 85 3.40 9.41 -11.16
N LYS A 86 2.89 10.64 -11.22
CA LYS A 86 2.31 11.31 -10.05
C LYS A 86 0.82 11.52 -10.32
N LEU A 87 0.03 11.59 -9.24
CA LEU A 87 -1.43 11.71 -9.37
C LEU A 87 -2.06 12.58 -8.27
N ASN A 88 -2.85 13.56 -8.70
CA ASN A 88 -3.71 14.34 -7.82
C ASN A 88 -5.04 14.55 -8.54
N ILE A 89 -6.10 13.96 -7.99
CA ILE A 89 -7.41 13.99 -8.65
C ILE A 89 -8.12 15.35 -8.48
N GLY A 90 -8.16 15.84 -7.25
CA GLY A 90 -8.81 17.13 -6.97
C GLY A 90 -8.72 17.59 -5.54
N CYS A 91 -7.55 17.36 -4.92
CA CYS A 91 -7.28 17.81 -3.55
C CYS A 91 -8.46 17.59 -2.61
N THR A 92 -9.11 16.43 -2.75
CA THR A 92 -10.29 16.11 -1.94
C THR A 92 -9.99 15.01 -0.92
N SER A 93 -10.48 15.18 0.29
CA SER A 93 -10.53 14.12 1.29
C SER A 93 -11.80 13.31 1.11
N GLN A 94 -12.82 13.95 0.52
CA GLN A 94 -14.12 13.31 0.29
C GLN A 94 -14.07 12.32 -0.87
N PHE A 95 -14.68 11.16 -0.65
CA PHE A 95 -14.70 10.08 -1.62
C PHE A 95 -15.84 10.24 -2.61
N SER A 96 -15.61 9.76 -3.83
CA SER A 96 -16.67 9.62 -4.82
C SER A 96 -16.57 8.28 -5.54
N SER A 97 -17.72 7.61 -5.65
CA SER A 97 -17.80 6.34 -6.36
C SER A 97 -18.12 6.58 -7.83
N THR A 98 -18.36 7.84 -8.18
CA THR A 98 -18.75 8.23 -9.53
C THR A 98 -17.69 7.84 -10.57
N ALA A 99 -16.45 8.29 -10.36
CA ALA A 99 -15.40 8.12 -11.35
C ALA A 99 -14.00 8.03 -10.76
N PRO A 100 -13.49 6.79 -10.55
CA PRO A 100 -12.09 6.63 -10.19
C PRO A 100 -11.19 6.59 -11.43
N VAL A 101 -9.92 6.89 -11.25
CA VAL A 101 -8.94 6.81 -12.33
C VAL A 101 -8.47 5.36 -12.49
N LEU A 102 -8.77 4.77 -13.65
CA LEU A 102 -8.30 3.42 -13.96
C LEU A 102 -7.01 3.47 -14.76
N LEU A 103 -5.94 2.89 -14.23
CA LEU A 103 -4.71 2.74 -15.00
C LEU A 103 -4.77 1.42 -15.76
N GLN A 104 -4.95 1.53 -17.07
CA GLN A 104 -5.12 0.36 -17.94
C GLN A 104 -4.03 0.32 -19.00
N TYR A 105 -3.82 -0.86 -19.57
CA TYR A 105 -2.87 -1.02 -20.67
C TYR A 105 -3.51 -1.57 -21.95
N SER A 106 -2.76 -1.54 -23.04
CA SER A 106 -3.23 -2.03 -24.32
C SER A 106 -2.08 -2.65 -25.10
N HIS A 107 -2.20 -3.94 -25.37
CA HIS A 107 -1.19 -4.66 -26.16
C HIS A 107 -1.48 -4.55 -27.66
N ASP A 108 -2.77 -4.59 -28.02
CA ASP A 108 -3.22 -4.39 -29.39
C ASP A 108 -3.45 -2.91 -29.71
N ALA A 109 -2.84 -2.04 -28.90
CA ALA A 109 -2.76 -0.60 -29.12
C ALA A 109 -4.07 0.11 -29.51
N GLY A 110 -5.07 0.06 -28.63
CA GLY A 110 -6.33 0.79 -28.85
C GLY A 110 -7.64 0.17 -28.39
N MET A 111 -8.00 -0.97 -28.97
CA MET A 111 -9.35 -1.53 -28.80
C MET A 111 -9.62 -2.38 -27.56
N SER A 112 -8.59 -3.03 -27.04
CA SER A 112 -8.73 -3.83 -25.81
C SER A 112 -7.97 -3.21 -24.63
N TRP A 113 -8.63 -3.14 -23.48
CA TRP A 113 -8.04 -2.58 -22.27
C TRP A 113 -8.18 -3.50 -21.05
N PHE A 114 -7.04 -3.79 -20.43
CA PHE A 114 -6.97 -4.47 -19.12
C PHE A 114 -6.28 -3.56 -18.10
N LEU A 115 -6.60 -3.73 -16.82
CA LEU A 115 -5.90 -3.03 -15.74
C LEU A 115 -4.44 -3.50 -15.67
N VAL A 116 -3.53 -2.57 -15.43
CA VAL A 116 -2.10 -2.87 -15.27
C VAL A 116 -1.88 -3.92 -14.18
N LYS A 117 -2.57 -3.73 -13.06
CA LYS A 117 -2.70 -4.77 -12.04
C LYS A 117 -4.18 -4.99 -11.75
N GLU A 118 -4.63 -6.22 -11.88
CA GLU A 118 -5.99 -6.62 -11.53
C GLU A 118 -6.10 -6.66 -10.00
N GLY A 119 -4.97 -6.92 -9.36
CA GLY A 119 -4.93 -7.14 -7.93
C GLY A 119 -4.70 -8.61 -7.65
N CYS A 120 -3.71 -8.89 -6.81
CA CYS A 120 -3.45 -10.24 -6.34
C CYS A 120 -3.93 -10.35 -4.89
N PHE A 121 -5.05 -11.02 -4.70
CA PHE A 121 -5.80 -11.03 -3.43
C PHE A 121 -5.75 -12.40 -2.76
N PRO A 122 -5.99 -12.47 -1.43
CA PRO A 122 -6.01 -13.75 -0.70
C PRO A 122 -6.82 -14.87 -1.40
N ALA A 123 -7.98 -14.50 -1.96
CA ALA A 123 -8.86 -15.46 -2.61
C ALA A 123 -8.52 -15.75 -4.08
N SER A 124 -7.72 -14.88 -4.71
CA SER A 124 -7.35 -15.01 -6.12
C SER A 124 -6.58 -16.30 -6.40
N ALA A 125 -6.89 -16.91 -7.56
CA ALA A 125 -6.19 -18.11 -8.03
C ALA A 125 -6.28 -18.25 -9.55
N GLY A 126 -5.64 -17.32 -10.25
CA GLY A 126 -5.52 -17.36 -11.71
C GLY A 126 -4.07 -17.50 -12.13
N LYS A 127 -3.65 -16.66 -13.06
CA LYS A 127 -2.25 -16.60 -13.51
C LYS A 127 -1.58 -15.32 -13.04
N GLY A 128 -0.34 -15.45 -12.58
CA GLY A 128 0.39 -14.32 -11.99
C GLY A 128 0.01 -14.04 -10.54
N CYS A 129 -0.75 -14.96 -9.94
CA CYS A 129 -1.17 -14.86 -8.54
C CYS A 129 -1.64 -16.23 -8.03
N GLU A 130 -0.69 -17.16 -7.91
CA GLU A 130 -0.99 -18.53 -7.51
C GLU A 130 0.07 -19.13 -6.57
N GLY A 131 -0.38 -19.95 -5.64
CA GLY A 131 0.52 -20.71 -4.75
C GLY A 131 1.39 -19.86 -3.84
N ASN A 132 2.65 -20.26 -3.69
CA ASN A 132 3.58 -19.64 -2.75
C ASN A 132 4.56 -18.63 -3.38
N SER A 133 4.30 -18.25 -4.63
CA SER A 133 5.11 -17.27 -5.35
C SER A 133 4.41 -15.91 -5.47
N ARG A 134 3.14 -15.88 -5.07
CA ARG A 134 2.28 -14.70 -5.17
C ARG A 134 2.78 -13.52 -4.34
N GLU A 135 2.63 -12.31 -4.88
CA GLU A 135 2.85 -11.08 -4.12
C GLU A 135 1.54 -10.33 -4.03
N LEU A 136 0.91 -10.34 -2.84
CA LEU A 136 -0.42 -9.75 -2.68
C LEU A 136 -0.35 -8.26 -2.98
N SER A 137 -1.23 -7.80 -3.86
CA SER A 137 -1.08 -6.49 -4.48
C SER A 137 -2.39 -5.82 -4.92
N GLU A 138 -2.43 -4.50 -4.77
CA GLU A 138 -3.58 -3.67 -5.05
C GLU A 138 -3.81 -3.52 -6.55
N PRO A 139 -5.08 -3.34 -6.96
CA PRO A 139 -5.32 -3.04 -8.36
C PRO A 139 -4.82 -1.63 -8.70
N THR A 140 -4.54 -1.38 -9.97
CA THR A 140 -4.19 -0.03 -10.43
C THR A 140 -5.46 0.77 -10.73
N VAL A 141 -6.26 0.97 -9.68
CA VAL A 141 -7.51 1.72 -9.71
C VAL A 141 -7.42 2.77 -8.59
N TYR A 142 -7.68 4.03 -8.94
CA TYR A 142 -7.40 5.15 -8.05
C TYR A 142 -8.63 6.01 -7.73
N TYR A 143 -9.20 5.79 -6.54
CA TYR A 143 -10.47 6.42 -6.14
C TYR A 143 -10.30 7.85 -5.68
N THR A 144 -11.16 8.73 -6.21
CA THR A 144 -11.20 10.13 -5.79
C THR A 144 -11.43 10.23 -4.28
N GLY A 145 -10.58 11.02 -3.61
CA GLY A 145 -10.62 11.12 -2.15
C GLY A 145 -9.47 10.43 -1.45
N ASP A 146 -8.87 9.44 -2.12
CA ASP A 146 -7.66 8.78 -1.60
C ASP A 146 -6.40 9.55 -2.05
N PHE A 147 -6.58 10.52 -2.94
CA PHE A 147 -5.45 11.26 -3.52
C PHE A 147 -5.53 12.76 -3.27
N GLU A 148 -5.46 13.12 -1.99
CA GLU A 148 -5.45 14.50 -1.51
C GLU A 148 -4.27 15.31 -2.06
N GLU A 149 -3.06 14.82 -1.82
CA GLU A 149 -1.83 15.47 -2.29
C GLU A 149 -1.30 14.75 -3.53
N TRP A 150 -0.17 15.21 -4.05
CA TRP A 150 0.51 14.50 -5.13
C TRP A 150 1.08 13.18 -4.60
N THR A 151 0.82 12.10 -5.32
CA THR A 151 1.25 10.77 -4.91
C THR A 151 1.95 10.07 -6.08
N ARG A 152 3.23 9.75 -5.89
CA ARG A 152 4.02 8.99 -6.87
C ARG A 152 3.69 7.49 -6.81
N ILE A 153 3.35 6.94 -7.96
CA ILE A 153 3.07 5.52 -8.10
C ILE A 153 4.15 4.86 -8.96
N THR A 154 4.77 3.82 -8.42
CA THR A 154 5.85 3.11 -9.10
C THR A 154 5.53 1.61 -9.23
N ILE A 155 5.39 1.16 -10.47
CA ILE A 155 5.01 -0.22 -10.76
C ILE A 155 6.12 -0.99 -11.47
N ALA A 156 6.55 -2.09 -10.89
CA ALA A 156 7.47 -3.00 -11.55
C ALA A 156 6.71 -3.82 -12.58
N ILE A 157 7.03 -3.61 -13.85
CA ILE A 157 6.38 -4.28 -14.98
C ILE A 157 6.59 -5.80 -14.89
N PRO A 158 5.50 -6.56 -14.69
CA PRO A 158 5.64 -8.00 -14.53
C PRO A 158 5.90 -8.73 -15.85
N ARG A 159 6.49 -9.92 -15.75
CA ARG A 159 6.70 -10.84 -16.88
C ARG A 159 5.38 -10.99 -17.63
N SER A 160 4.36 -11.36 -16.86
CA SER A 160 2.96 -11.45 -17.28
C SER A 160 2.51 -10.51 -18.43
N LEU A 161 3.02 -9.28 -18.44
CA LEU A 161 2.61 -8.29 -19.47
C LEU A 161 3.78 -7.61 -20.21
N ALA A 162 4.93 -8.28 -20.24
CA ALA A 162 6.09 -7.80 -21.00
C ALA A 162 6.02 -8.27 -22.46
N SER A 163 4.82 -8.25 -23.03
CA SER A 163 4.55 -8.84 -24.35
C SER A 163 5.02 -7.95 -25.50
N SER A 164 4.10 -7.18 -26.08
CA SER A 164 4.40 -6.32 -27.22
C SER A 164 4.34 -4.84 -26.82
N LYS A 165 4.52 -3.94 -27.79
CA LYS A 165 4.51 -2.51 -27.51
C LYS A 165 3.20 -2.08 -26.83
N THR A 166 3.33 -1.64 -25.58
CA THR A 166 2.18 -1.35 -24.74
C THR A 166 1.79 0.13 -24.80
N ARG A 167 0.50 0.37 -24.90
CA ARG A 167 -0.07 1.70 -24.67
C ARG A 167 -0.71 1.73 -23.29
N PHE A 168 -0.59 2.85 -22.60
CA PHE A 168 -1.17 2.99 -21.28
C PHE A 168 -2.25 4.08 -21.26
N ARG A 169 -3.29 3.82 -20.49
CA ARG A 169 -4.46 4.68 -20.41
C ARG A 169 -4.68 5.10 -18.97
N TRP A 170 -5.01 6.37 -18.78
CA TRP A 170 -5.49 6.87 -17.51
C TRP A 170 -6.90 7.42 -17.77
N ILE A 171 -7.91 6.64 -17.41
CA ILE A 171 -9.29 6.98 -17.72
C ILE A 171 -10.14 7.24 -16.47
N GLN A 172 -10.94 8.30 -16.53
CA GLN A 172 -11.74 8.71 -15.38
C GLN A 172 -13.23 8.34 -15.53
N GLU A 173 -13.74 8.35 -16.77
CA GLU A 173 -15.15 8.09 -17.08
C GLU A 173 -16.04 9.32 -16.86
N VAL A 180 -17.31 15.19 -11.04
CA VAL A 180 -16.05 14.51 -11.33
C VAL A 180 -14.93 15.53 -11.56
N PRO A 181 -14.03 15.68 -10.57
CA PRO A 181 -12.84 16.54 -10.76
C PRO A 181 -11.89 15.92 -11.78
N PRO A 182 -11.19 16.77 -12.57
CA PRO A 182 -10.22 16.23 -13.54
C PRO A 182 -8.90 15.87 -12.86
N PHE A 183 -8.40 14.68 -13.17
CA PHE A 183 -7.18 14.19 -12.54
C PHE A 183 -5.94 14.86 -13.09
N GLY A 184 -5.03 15.22 -12.18
CA GLY A 184 -3.75 15.79 -12.57
C GLY A 184 -2.70 14.70 -12.58
N LEU A 185 -2.16 14.44 -13.77
CA LEU A 185 -0.99 13.56 -13.91
C LEU A 185 0.29 14.39 -13.82
N ASP A 186 1.44 13.73 -14.01
CA ASP A 186 2.76 14.37 -14.01
C ASP A 186 3.86 13.31 -13.97
N GLY A 187 5.02 13.67 -14.50
CA GLY A 187 6.22 12.82 -14.42
C GLY A 187 6.01 11.39 -14.85
N VAL A 188 5.45 11.21 -16.05
CA VAL A 188 5.25 9.87 -16.60
C VAL A 188 6.60 9.37 -17.13
N TYR A 189 7.24 8.49 -16.35
CA TYR A 189 8.52 7.90 -16.73
C TYR A 189 8.46 6.39 -16.86
N ILE A 190 8.82 5.89 -18.04
CA ILE A 190 8.99 4.46 -18.28
C ILE A 190 10.47 4.20 -18.59
N SER A 191 11.09 3.29 -17.84
CA SER A 191 12.52 3.07 -17.90
C SER A 191 12.92 1.62 -17.63
N GLU A 192 14.15 1.28 -18.00
CA GLU A 192 14.76 0.01 -17.61
C GLU A 192 15.10 0.10 -16.13
N PRO A 193 15.14 -1.05 -15.42
CA PRO A 193 15.40 -1.07 -13.98
C PRO A 193 16.58 -0.20 -13.56
N CYS A 194 16.34 0.71 -12.63
CA CYS A 194 17.40 1.50 -12.02
C CYS A 194 18.10 0.65 -10.96
N PRO A 195 19.32 1.06 -10.55
CA PRO A 195 19.92 0.37 -9.41
C PRO A 195 18.99 0.41 -8.20
N SER A 196 18.61 -0.79 -7.73
CA SER A 196 17.73 -0.98 -6.57
C SER A 196 16.42 -0.17 -6.61
N TYR A 197 15.95 0.11 -7.84
CA TYR A 197 14.75 0.90 -8.08
C TYR A 197 14.74 2.27 -7.39
N CYS A 198 15.92 2.87 -7.28
CA CYS A 198 16.12 4.14 -6.58
C CYS A 198 15.68 4.04 -5.12
N SER A 199 15.53 2.80 -4.64
CA SER A 199 15.17 2.51 -3.25
C SER A 199 13.79 3.05 -2.87
N GLY A 200 13.02 3.43 -3.89
CA GLY A 200 11.74 4.09 -3.70
C GLY A 200 11.84 5.56 -3.35
N HIS A 201 13.03 6.15 -3.56
CA HIS A 201 13.28 7.54 -3.17
C HIS A 201 13.84 8.40 -4.31
N GLY A 202 13.34 8.17 -5.51
CA GLY A 202 13.75 8.94 -6.66
C GLY A 202 13.00 8.53 -7.90
N ASP A 203 13.14 9.35 -8.95
CA ASP A 203 12.56 9.03 -10.24
C ASP A 203 13.59 8.34 -11.11
N CYS A 204 13.17 7.22 -11.69
CA CYS A 204 14.03 6.39 -12.50
C CYS A 204 13.86 6.80 -13.96
N ILE A 205 14.83 7.57 -14.47
CA ILE A 205 14.78 8.11 -15.83
C ILE A 205 15.86 7.47 -16.70
N SER A 206 15.42 6.66 -17.66
CA SER A 206 16.29 5.94 -18.60
C SER A 206 17.42 5.14 -17.93
N GLY A 207 17.15 4.61 -16.74
CA GLY A 207 18.02 3.59 -16.16
C GLY A 207 18.87 4.02 -14.98
N VAL A 208 18.80 5.29 -14.63
CA VAL A 208 19.51 5.79 -13.44
C VAL A 208 18.68 6.83 -12.67
N CYS A 209 19.03 7.05 -11.41
CA CYS A 209 18.15 7.69 -10.44
C CYS A 209 18.23 9.21 -10.29
N PHE A 210 17.07 9.83 -10.19
CA PHE A 210 16.95 11.25 -9.85
C PHE A 210 16.24 11.42 -8.50
N CYS A 211 17.08 11.48 -7.46
CA CYS A 211 16.64 11.46 -6.08
C CYS A 211 15.78 12.68 -5.70
N ASP A 212 14.73 12.44 -4.91
CA ASP A 212 13.90 13.53 -4.40
C ASP A 212 14.56 14.21 -3.18
N LEU A 213 13.97 15.31 -2.71
CA LEU A 213 14.54 16.12 -1.63
C LEU A 213 14.74 15.29 -0.34
N GLY A 214 15.92 15.43 0.25
CA GLY A 214 16.26 14.72 1.48
C GLY A 214 17.10 13.48 1.24
N TYR A 215 17.34 13.18 -0.04
CA TYR A 215 18.05 11.97 -0.44
C TYR A 215 19.11 12.33 -1.45
N THR A 216 20.21 11.59 -1.43
CA THR A 216 21.27 11.77 -2.42
C THR A 216 21.67 10.48 -3.11
N ALA A 217 22.15 10.61 -4.34
CA ALA A 217 22.65 9.47 -5.09
C ALA A 217 23.83 8.83 -4.38
N ALA A 218 23.78 7.52 -4.25
CA ALA A 218 24.85 6.75 -3.59
C ALA A 218 24.75 5.30 -4.03
N GLN A 219 25.85 4.80 -4.62
CA GLN A 219 25.96 3.41 -5.11
C GLN A 219 24.89 3.04 -6.14
N GLY A 220 24.53 4.02 -6.98
CA GLY A 220 23.54 3.84 -8.04
C GLY A 220 22.11 4.19 -7.64
N THR A 221 21.83 4.13 -6.35
CA THR A 221 20.46 4.34 -5.84
C THR A 221 20.32 5.67 -5.07
N CYS A 222 19.21 5.82 -4.34
CA CYS A 222 18.97 7.01 -3.53
C CYS A 222 18.92 6.66 -2.04
N VAL A 223 19.82 7.27 -1.28
CA VAL A 223 19.96 7.01 0.16
C VAL A 223 19.60 8.27 0.95
N SER A 224 19.02 8.07 2.14
CA SER A 224 18.58 9.18 2.98
C SER A 224 19.76 10.02 3.47
N ASN A 225 19.60 11.35 3.41
CA ASN A 225 20.58 12.31 3.96
C ASN A 225 20.85 12.10 5.44
N THR A 226 19.85 11.58 6.15
CA THR A 226 19.95 11.28 7.58
C THR A 226 19.54 9.83 7.83
N PRO A 227 19.94 9.26 8.98
CA PRO A 227 19.44 7.93 9.29
C PRO A 227 17.93 7.93 9.51
N ASN A 228 17.33 6.74 9.49
CA ASN A 228 15.90 6.63 9.74
C ASN A 228 15.58 6.40 11.21
N HIS A 229 14.37 6.76 11.60
CA HIS A 229 13.85 6.37 12.90
C HIS A 229 13.91 4.85 13.04
N SER A 230 13.96 4.36 14.27
CA SER A 230 13.87 2.95 14.48
C SER A 230 12.51 2.51 15.07
N GLU A 231 12.31 2.86 16.32
CA GLU A 231 11.20 2.37 17.08
C GLU A 231 9.99 3.25 16.81
N MET A 232 8.82 2.69 17.10
CA MET A 232 7.56 3.36 16.85
C MET A 232 6.55 2.80 17.83
N PHE A 233 5.65 3.67 18.28
CA PHE A 233 4.56 3.28 19.14
C PHE A 233 3.46 4.30 18.95
N ASP A 234 2.26 3.82 18.64
CA ASP A 234 1.11 4.71 18.52
C ASP A 234 -0.06 4.05 19.22
N ARG A 235 -0.62 4.76 20.21
CA ARG A 235 -1.81 4.32 20.94
C ARG A 235 -3.12 4.89 20.38
N PHE A 236 -3.01 5.80 19.43
CA PHE A 236 -4.15 6.34 18.68
C PHE A 236 -5.13 7.13 19.57
N GLU A 237 -4.57 7.93 20.46
CA GLU A 237 -5.37 8.72 21.41
C GLU A 237 -5.60 10.14 20.95
N GLY A 238 -4.83 10.57 19.96
CA GLY A 238 -4.97 11.92 19.43
C GLY A 238 -4.23 12.07 18.12
N LYS A 239 -3.15 12.85 18.14
CA LYS A 239 -2.41 13.07 16.91
C LYS A 239 -1.64 11.81 16.51
N LEU A 240 -1.78 11.41 15.25
CA LEU A 240 -1.10 10.23 14.70
C LEU A 240 0.40 10.42 14.77
N SER A 241 1.11 9.32 15.02
CA SER A 241 2.57 9.32 14.94
C SER A 241 3.01 9.94 13.63
N PRO A 242 4.06 10.81 13.69
CA PRO A 242 4.68 11.33 12.47
C PRO A 242 5.39 10.24 11.66
N LEU A 243 5.54 9.05 12.25
CA LEU A 243 6.16 7.92 11.55
C LEU A 243 5.19 7.14 10.64
N TRP A 244 3.92 7.54 10.63
CA TRP A 244 3.00 7.09 9.56
C TRP A 244 3.26 7.88 8.30
N TYR A 245 3.60 7.17 7.24
CA TYR A 245 3.86 7.83 5.96
C TYR A 245 2.55 8.27 5.30
N LYS A 246 1.54 7.40 5.34
CA LYS A 246 0.26 7.72 4.75
C LYS A 246 -0.76 6.74 5.33
N ILE A 247 -1.87 7.31 5.79
CA ILE A 247 -3.03 6.54 6.23
C ILE A 247 -4.10 6.84 5.20
N THR A 248 -4.59 5.81 4.53
CA THR A 248 -5.61 5.96 3.52
C THR A 248 -6.87 5.26 4.01
N GLY A 249 -8.00 5.96 3.93
CA GLY A 249 -9.30 5.37 4.27
C GLY A 249 -9.52 5.10 5.75
N GLY A 250 -8.80 5.82 6.60
CA GLY A 250 -8.91 5.59 8.04
C GLY A 250 -8.51 6.83 8.83
N GLN A 251 -8.82 6.83 10.11
CA GLN A 251 -8.54 7.94 11.02
C GLN A 251 -8.73 7.47 12.45
N VAL A 252 -8.22 8.24 13.39
CA VAL A 252 -8.43 7.94 14.79
C VAL A 252 -9.96 7.92 15.01
N GLY A 253 -10.46 6.88 15.68
CA GLY A 253 -11.90 6.72 15.87
C GLY A 253 -12.24 5.55 16.77
N THR A 254 -13.52 5.18 16.77
CA THR A 254 -14.08 4.22 17.73
C THR A 254 -15.12 3.30 17.12
N GLY A 255 -15.20 3.26 15.79
CA GLY A 255 -16.26 2.52 15.05
C GLY A 255 -16.36 1.02 15.29
N CYS A 256 -15.24 0.38 15.68
CA CYS A 256 -15.28 -1.04 16.05
C CYS A 256 -15.33 -1.26 17.56
N GLY A 257 -15.45 -0.16 18.30
CA GLY A 257 -15.47 -0.22 19.76
C GLY A 257 -14.07 -0.12 20.32
N THR A 258 -13.91 -0.56 21.56
CA THR A 258 -12.61 -0.56 22.21
C THR A 258 -11.80 -1.79 21.78
N LEU A 259 -10.54 -1.57 21.41
CA LEU A 259 -9.63 -2.69 21.14
C LEU A 259 -8.76 -3.01 22.37
N ASN A 260 -7.72 -2.23 22.61
CA ASN A 260 -7.00 -2.34 23.88
C ASN A 260 -7.55 -1.27 24.84
N ASP A 261 -7.31 -0.02 24.53
CA ASP A 261 -7.96 1.05 25.29
C ASP A 261 -8.06 2.33 24.51
N GLY A 262 -9.07 3.13 24.90
CA GLY A 262 -9.34 4.42 24.30
C GLY A 262 -9.71 4.30 22.84
N ARG A 263 -9.25 5.26 22.05
CA ARG A 263 -9.51 5.32 20.63
C ARG A 263 -8.53 4.42 19.83
N SER A 264 -8.87 4.16 18.57
CA SER A 264 -8.09 3.24 17.75
C SER A 264 -7.87 3.92 16.40
N LEU A 265 -7.02 3.33 15.54
CA LEU A 265 -6.95 3.72 14.15
C LEU A 265 -8.01 2.92 13.38
N TYR A 266 -9.08 3.61 12.96
CA TYR A 266 -10.31 2.97 12.51
C TYR A 266 -10.48 3.18 11.01
N PHE A 267 -10.72 2.09 10.26
CA PHE A 267 -10.82 2.15 8.79
C PHE A 267 -12.22 1.92 8.25
N ASN A 268 -12.84 2.99 7.74
CA ASN A 268 -14.17 2.93 7.11
C ASN A 268 -14.21 3.51 5.70
N GLY A 269 -13.04 3.81 5.13
CA GLY A 269 -12.98 4.48 3.84
C GLY A 269 -13.61 3.61 2.77
N LEU A 270 -14.13 4.25 1.72
CA LEU A 270 -14.82 3.53 0.66
C LEU A 270 -13.91 3.13 -0.51
N GLY A 271 -12.66 3.60 -0.49
CA GLY A 271 -11.70 3.17 -1.52
C GLY A 271 -10.69 2.20 -0.92
N LYS A 272 -9.42 2.62 -0.94
CA LYS A 272 -8.37 1.82 -0.31
C LYS A 272 -8.30 2.08 1.20
N ARG A 273 -8.07 1.03 1.97
CA ARG A 273 -7.81 1.18 3.39
C ARG A 273 -6.43 0.63 3.70
N GLU A 274 -5.51 1.49 4.14
CA GLU A 274 -4.09 1.13 4.30
C GLU A 274 -3.47 2.05 5.33
N ALA A 275 -2.72 1.47 6.26
CA ALA A 275 -1.84 2.22 7.15
C ALA A 275 -0.39 1.83 6.78
N ARG A 276 0.41 2.83 6.45
CA ARG A 276 1.75 2.59 5.92
C ARG A 276 2.76 3.47 6.65
N THR A 277 3.81 2.84 7.19
CA THR A 277 4.87 3.61 7.90
C THR A 277 5.90 4.21 6.93
N VAL A 278 6.63 5.21 7.42
CA VAL A 278 7.89 5.64 6.77
C VAL A 278 8.92 4.51 6.87
N PRO A 279 9.98 4.55 6.04
CA PRO A 279 11.01 3.55 6.21
C PRO A 279 11.71 3.70 7.54
N LEU A 280 11.86 2.58 8.25
CA LEU A 280 12.50 2.53 9.55
C LEU A 280 13.81 1.76 9.49
N ASP A 281 14.68 2.03 10.47
CA ASP A 281 15.90 1.25 10.62
C ASP A 281 15.58 0.08 11.54
N THR A 282 15.37 -1.09 10.93
CA THR A 282 14.92 -2.30 11.62
C THR A 282 16.07 -3.28 11.92
N ARG A 283 17.32 -2.87 11.71
CA ARG A 283 18.46 -3.76 11.93
C ARG A 283 18.44 -4.37 13.32
N ASN A 284 18.03 -3.60 14.32
CA ASN A 284 17.92 -4.10 15.69
C ASN A 284 16.49 -4.25 16.19
N ILE A 285 15.50 -4.09 15.30
CA ILE A 285 14.10 -4.34 15.69
C ILE A 285 13.79 -5.83 15.71
N ARG A 286 13.14 -6.27 16.78
CA ARG A 286 12.72 -7.67 16.88
C ARG A 286 11.23 -7.89 16.65
N LEU A 287 10.42 -6.97 17.17
CA LEU A 287 8.98 -7.20 17.31
C LEU A 287 8.18 -6.14 16.60
N VAL A 288 7.17 -6.60 15.85
CA VAL A 288 6.06 -5.78 15.40
C VAL A 288 4.81 -6.30 16.11
N GLN A 289 4.18 -5.44 16.90
CA GLN A 289 3.03 -5.86 17.71
C GLN A 289 1.90 -4.84 17.52
N PHE A 290 0.66 -5.31 17.56
CA PHE A 290 -0.52 -4.44 17.38
C PHE A 290 -1.75 -5.22 17.82
N TYR A 291 -2.79 -4.51 18.23
CA TYR A 291 -4.12 -5.11 18.38
C TYR A 291 -4.88 -4.96 17.07
N ILE A 292 -5.77 -5.90 16.76
CA ILE A 292 -6.54 -5.85 15.53
C ILE A 292 -8.00 -6.30 15.76
N GLN A 293 -8.93 -5.67 15.07
CA GLN A 293 -10.28 -6.21 14.99
C GLN A 293 -10.73 -6.02 13.55
N ILE A 294 -11.32 -7.05 12.96
CA ILE A 294 -11.90 -6.93 11.62
C ILE A 294 -13.39 -7.28 11.72
N GLY A 295 -14.25 -6.28 11.60
CA GLY A 295 -15.69 -6.51 11.72
C GLY A 295 -16.10 -6.88 13.14
N SER A 296 -17.37 -7.23 13.28
CA SER A 296 -17.99 -7.45 14.56
C SER A 296 -19.21 -8.34 14.34
N LYS A 297 -19.56 -9.13 15.35
CA LYS A 297 -20.83 -9.84 15.38
C LYS A 297 -21.95 -8.88 15.79
N THR A 298 -21.63 -7.92 16.65
CA THR A 298 -22.67 -7.17 17.38
C THR A 298 -22.57 -5.64 17.40
N SER A 299 -21.51 -5.05 16.84
CA SER A 299 -21.33 -3.61 16.99
C SER A 299 -22.11 -2.72 16.00
N GLY A 300 -22.81 -3.33 15.05
CA GLY A 300 -23.64 -2.59 14.11
C GLY A 300 -22.99 -2.12 12.82
N ILE A 301 -23.59 -1.09 12.22
CA ILE A 301 -23.24 -0.63 10.86
C ILE A 301 -21.85 0.02 10.73
N THR A 302 -21.23 0.43 11.84
CA THR A 302 -19.88 0.99 11.74
C THR A 302 -18.80 -0.10 11.79
N CYS A 303 -19.22 -1.35 12.01
CA CYS A 303 -18.29 -2.50 12.12
C CYS A 303 -19.05 -3.77 11.78
N ILE A 304 -19.38 -3.91 10.49
CA ILE A 304 -20.23 -5.01 10.04
C ILE A 304 -19.44 -6.31 9.99
N LYS A 305 -20.17 -7.43 9.94
CA LYS A 305 -19.55 -8.75 9.82
C LYS A 305 -18.95 -8.98 8.44
N PRO A 306 -17.70 -9.47 8.40
CA PRO A 306 -17.08 -9.79 7.11
C PRO A 306 -17.84 -10.93 6.41
N ARG A 307 -17.80 -10.93 5.08
CA ARG A 307 -18.52 -11.90 4.26
C ARG A 307 -17.63 -12.68 3.30
N ALA A 308 -16.53 -12.06 2.87
CA ALA A 308 -15.66 -12.68 1.89
C ALA A 308 -14.18 -12.68 2.31
N ARG A 309 -13.42 -13.67 1.86
CA ARG A 309 -12.02 -13.81 2.31
C ARG A 309 -11.13 -12.62 2.02
N ASN A 310 -11.44 -11.87 0.96
CA ASN A 310 -10.63 -10.70 0.57
C ASN A 310 -10.81 -9.50 1.50
N GLU A 311 -11.70 -9.65 2.49
CA GLU A 311 -11.88 -8.66 3.54
C GLU A 311 -10.95 -8.86 4.74
N GLY A 312 -10.14 -9.92 4.68
CA GLY A 312 -9.08 -10.10 5.68
C GLY A 312 -8.02 -9.01 5.48
N LEU A 313 -6.95 -9.06 6.28
CA LEU A 313 -5.88 -8.08 6.19
C LEU A 313 -4.57 -8.76 5.81
N VAL A 314 -3.71 -7.97 5.19
CA VAL A 314 -2.37 -8.37 4.86
C VAL A 314 -1.44 -7.35 5.56
N VAL A 315 -0.48 -7.88 6.31
CA VAL A 315 0.60 -7.09 6.91
C VAL A 315 1.87 -7.43 6.13
N GLN A 316 2.52 -6.39 5.64
CA GLN A 316 3.65 -6.55 4.72
C GLN A 316 4.80 -5.64 5.11
N TYR A 317 6.04 -6.00 4.69
CA TYR A 317 7.18 -5.08 4.74
C TYR A 317 7.75 -4.81 3.35
N SER A 318 8.43 -3.67 3.22
CA SER A 318 9.08 -3.28 1.99
C SER A 318 10.45 -2.68 2.29
N ASN A 319 11.46 -3.11 1.53
CA ASN A 319 12.83 -2.62 1.65
C ASN A 319 13.17 -1.53 0.63
N ASP A 320 12.15 -1.09 -0.12
CA ASP A 320 12.31 -0.07 -1.14
C ASP A 320 11.18 0.94 -1.12
N ASN A 321 10.76 1.34 0.09
CA ASN A 321 9.73 2.39 0.24
C ASN A 321 8.46 2.13 -0.59
N GLY A 322 8.02 0.89 -0.64
CA GLY A 322 6.70 0.58 -1.19
C GLY A 322 6.62 0.12 -2.61
N ILE A 323 7.75 -0.12 -3.27
CA ILE A 323 7.70 -0.58 -4.66
C ILE A 323 7.35 -2.07 -4.65
N LEU A 324 8.04 -2.81 -3.79
CA LEU A 324 7.84 -4.24 -3.59
C LEU A 324 7.51 -4.51 -2.12
N TRP A 325 6.40 -5.19 -1.89
CA TRP A 325 5.94 -5.59 -0.55
C TRP A 325 6.08 -7.10 -0.37
N HIS A 326 6.56 -7.52 0.79
CA HIS A 326 6.70 -8.92 1.14
C HIS A 326 5.79 -9.23 2.32
N LEU A 327 5.22 -10.43 2.29
CA LEU A 327 4.33 -10.89 3.36
C LEU A 327 4.97 -11.00 4.73
N LEU A 328 4.33 -10.41 5.74
CA LEU A 328 4.70 -10.69 7.11
C LEU A 328 3.67 -11.59 7.77
N ARG A 329 2.39 -11.25 7.59
CA ARG A 329 1.32 -12.01 8.22
C ARG A 329 0.01 -11.71 7.49
N GLU A 330 -0.71 -12.77 7.13
CA GLU A 330 -2.08 -12.63 6.65
C GLU A 330 -3.04 -12.95 7.78
N LEU A 331 -3.97 -12.01 8.02
CA LEU A 331 -4.96 -12.12 9.08
C LEU A 331 -6.31 -12.52 8.51
N ASP A 332 -6.84 -13.63 9.00
CA ASP A 332 -8.02 -14.26 8.43
C ASP A 332 -9.28 -13.41 8.69
N PHE A 333 -10.10 -13.27 7.65
CA PHE A 333 -11.33 -12.47 7.67
C PHE A 333 -12.35 -12.76 8.77
N MET A 334 -12.35 -13.99 9.28
CA MET A 334 -13.35 -14.39 10.30
C MET A 334 -12.77 -14.63 11.70
N SER A 335 -11.49 -14.33 11.87
CA SER A 335 -10.80 -14.69 13.11
C SER A 335 -10.66 -13.53 14.09
N PHE A 336 -11.09 -12.34 13.68
CA PHE A 336 -10.86 -11.11 14.46
C PHE A 336 -12.15 -10.33 14.73
N LEU A 337 -13.26 -11.04 14.95
CA LEU A 337 -14.56 -10.41 15.32
C LEU A 337 -14.53 -9.73 16.69
N GLU A 338 -13.58 -10.14 17.55
CA GLU A 338 -13.29 -9.48 18.82
C GLU A 338 -11.79 -9.11 18.80
N PRO A 339 -11.38 -8.06 19.56
CA PRO A 339 -9.98 -7.61 19.47
C PRO A 339 -8.96 -8.69 19.88
N GLN A 340 -7.84 -8.74 19.16
CA GLN A 340 -6.80 -9.72 19.47
C GLN A 340 -5.45 -9.03 19.34
N ILE A 341 -4.47 -9.49 20.12
CA ILE A 341 -3.12 -8.99 19.98
C ILE A 341 -2.36 -9.91 18.99
N ILE A 342 -1.50 -9.31 18.17
CA ILE A 342 -0.66 -10.04 17.21
C ILE A 342 0.77 -9.63 17.49
N SER A 343 1.67 -10.60 17.68
CA SER A 343 3.09 -10.31 17.89
C SER A 343 3.89 -11.04 16.82
N ILE A 344 4.59 -10.29 15.98
CA ILE A 344 5.35 -10.82 14.86
C ILE A 344 6.86 -10.65 15.13
N ASP A 345 7.58 -11.77 15.16
CA ASP A 345 9.06 -11.84 15.20
C ASP A 345 9.56 -11.57 13.78
N LEU A 346 10.33 -10.50 13.59
CA LEU A 346 10.77 -10.15 12.23
C LEU A 346 11.74 -11.17 11.63
N PRO A 347 11.57 -11.51 10.35
CA PRO A 347 12.55 -12.32 9.64
C PRO A 347 13.80 -11.47 9.32
N ARG A 348 14.93 -12.13 9.07
CA ARG A 348 16.21 -11.46 8.74
C ARG A 348 16.07 -10.45 7.61
N GLU A 349 15.33 -10.85 6.58
CA GLU A 349 15.17 -10.06 5.36
C GLU A 349 14.45 -8.72 5.55
N ALA A 350 13.76 -8.58 6.67
CA ALA A 350 13.01 -7.35 7.01
C ALA A 350 13.80 -6.46 7.97
N LYS A 351 15.08 -6.77 8.16
CA LYS A 351 15.99 -5.99 9.03
C LYS A 351 17.04 -5.27 8.20
N THR A 352 16.75 -4.02 7.87
CA THR A 352 17.61 -3.20 7.03
C THR A 352 17.60 -1.77 7.58
N PRO A 353 18.47 -0.89 7.03
CA PRO A 353 18.44 0.51 7.48
C PRO A 353 17.19 1.29 7.04
N ALA A 354 16.37 0.70 6.15
CA ALA A 354 15.20 1.37 5.57
C ALA A 354 14.12 0.34 5.16
N THR A 355 13.32 -0.10 6.14
CA THR A 355 12.22 -1.06 5.94
C THR A 355 10.90 -0.42 6.42
N ALA A 356 9.93 -0.32 5.53
CA ALA A 356 8.62 0.25 5.83
C ALA A 356 7.65 -0.89 6.08
N PHE A 357 6.56 -0.62 6.81
CA PHE A 357 5.54 -1.64 7.09
C PHE A 357 4.17 -1.14 6.63
N ARG A 358 3.28 -2.06 6.27
CA ARG A 358 1.88 -1.67 5.98
C ARG A 358 0.85 -2.72 6.40
N TRP A 359 -0.34 -2.22 6.72
CA TRP A 359 -1.52 -3.01 7.02
C TRP A 359 -2.50 -2.62 5.91
N TRP A 360 -3.00 -3.60 5.14
CA TRP A 360 -3.83 -3.29 3.98
C TRP A 360 -4.97 -4.33 3.84
N GLN A 361 -6.20 -3.87 3.58
CA GLN A 361 -7.33 -4.78 3.32
C GLN A 361 -7.50 -4.88 1.80
N PRO A 362 -7.31 -6.06 1.20
CA PRO A 362 -7.37 -6.15 -0.29
C PRO A 362 -8.69 -5.69 -0.95
N GLN A 363 -9.83 -6.18 -0.50
CA GLN A 363 -11.10 -5.75 -1.10
C GLN A 363 -11.39 -4.25 -0.84
N HIS A 364 -11.87 -3.59 -1.90
CA HIS A 364 -12.39 -2.23 -1.94
C HIS A 364 -13.28 -1.93 -0.74
N GLY A 365 -13.09 -0.77 -0.10
CA GLY A 365 -13.74 -0.43 1.15
C GLY A 365 -15.26 -0.38 1.10
N LYS A 366 -15.79 0.00 -0.06
CA LYS A 366 -17.26 0.13 -0.27
C LYS A 366 -18.06 -1.10 0.14
N HIS A 367 -17.52 -2.30 -0.11
CA HIS A 367 -18.23 -3.54 0.20
C HIS A 367 -17.52 -4.37 1.29
N SER A 368 -16.73 -3.71 2.14
CA SER A 368 -15.87 -4.45 3.08
C SER A 368 -16.06 -4.03 4.52
N ALA A 369 -16.09 -5.02 5.42
CA ALA A 369 -16.12 -4.81 6.86
C ALA A 369 -15.03 -3.85 7.30
N GLN A 370 -15.41 -2.93 8.19
CA GLN A 370 -14.47 -1.98 8.76
C GLN A 370 -13.55 -2.70 9.74
N TRP A 371 -12.39 -2.10 10.00
CA TRP A 371 -11.42 -2.73 10.87
C TRP A 371 -10.65 -1.66 11.61
N ALA A 372 -9.91 -2.04 12.63
CA ALA A 372 -9.16 -1.06 13.42
C ALA A 372 -7.88 -1.69 13.97
N LEU A 373 -6.89 -0.84 14.25
CA LEU A 373 -5.65 -1.22 14.93
C LEU A 373 -5.59 -0.48 16.26
N ASP A 374 -4.86 -1.03 17.23
CA ASP A 374 -4.56 -0.28 18.47
C ASP A 374 -3.14 -0.60 18.88
N ASP A 375 -2.50 0.33 19.59
CA ASP A 375 -1.15 0.10 20.14
C ASP A 375 -0.18 -0.57 19.18
N VAL A 376 0.05 0.07 18.04
CA VAL A 376 1.07 -0.39 17.09
C VAL A 376 2.44 -0.10 17.70
N LEU A 377 3.23 -1.16 17.86
CA LEU A 377 4.51 -1.09 18.51
C LEU A 377 5.56 -1.76 17.62
N ILE A 378 6.58 -1.00 17.26
CA ILE A 378 7.71 -1.53 16.52
C ILE A 378 8.96 -1.31 17.38
N SER A 379 9.48 -2.39 17.95
CA SER A 379 10.34 -2.33 19.14
C SER A 379 11.58 -3.21 19.05
N ARG A 380 12.65 -2.76 19.70
CA ARG A 380 13.91 -3.53 19.82
C ARG A 380 13.79 -4.59 20.91
N LEU A 381 12.66 -4.57 21.63
CA LEU A 381 12.30 -5.56 22.67
C LEU A 381 13.25 -5.48 23.87
#